data_2JK9
#
_entry.id   2JK9
#
_cell.length_a   37.523
_cell.length_b   82.957
_cell.length_c   38.540
_cell.angle_alpha   90.00
_cell.angle_beta   104.42
_cell.angle_gamma   90.00
#
_symmetry.space_group_name_H-M   'P 1 21 1'
#
loop_
_entity.id
_entity.type
_entity.pdbx_description
1 polymer 'SPRY DOMAIN-CONTAINING SOCS BOX PROTEIN 1'
2 polymer 'PRKC APOPTOSIS WT1 REGULATOR PROTEIN'
3 water water
#
loop_
_entity_poly.entity_id
_entity_poly.type
_entity_poly.pdbx_seq_one_letter_code
_entity_poly.pdbx_strand_id
1 'polypeptide(L)'
;SMQELQGLDYCKPTRLDLLLDMPPVSYDVQLLHSWNNNDRSLNVFVKEDDKLIFHRHPVAQSTDAIRGKVGYTRGLHVWQ
ITWAMRQRGTHAVVGVATADAPLHSVGYTTLVGNNHESWGWDLGRNRLYHDGKNQPSKTYPAFLEPDETFIVPDSFLVAL
DMDDGTLSFIVDGQYMGVAFRGLKGKKLYPVVSAVWGHCEIRMRYLNGLDPE
;
A
2 'polypeptide(L)' NELNNNLPGGAPAAP B
#
# COMPACT_ATOMS: atom_id res chain seq x y z
N ASP A 9 21.90 -27.55 11.72
CA ASP A 9 21.66 -26.72 12.92
C ASP A 9 22.33 -25.33 12.83
N TYR A 10 21.88 -24.50 11.89
CA TYR A 10 22.40 -23.13 11.68
C TYR A 10 21.39 -22.22 10.94
N CYS A 11 21.74 -20.94 10.72
CA CYS A 11 20.80 -19.92 10.20
C CYS A 11 20.86 -19.60 8.68
N LYS A 12 19.77 -19.86 7.96
CA LYS A 12 19.73 -19.62 6.51
C LYS A 12 18.91 -18.35 6.18
N PRO A 13 19.43 -17.49 5.26
CA PRO A 13 18.64 -16.31 4.88
C PRO A 13 17.69 -16.52 3.70
N THR A 14 16.48 -15.99 3.84
CA THR A 14 15.55 -15.82 2.72
C THR A 14 16.07 -14.73 1.79
N ARG A 15 15.67 -14.81 0.52
CA ARG A 15 15.87 -13.73 -0.46
C ARG A 15 15.39 -12.37 0.08
N LEU A 16 14.24 -12.40 0.75
CA LEU A 16 13.75 -11.23 1.46
C LEU A 16 14.77 -10.73 2.51
N ASP A 17 15.33 -11.65 3.30
CA ASP A 17 16.31 -11.31 4.34
C ASP A 17 17.52 -10.65 3.70
N LEU A 18 18.00 -11.24 2.61
CA LEU A 18 19.16 -10.73 1.88
C LEU A 18 18.91 -9.33 1.29
N LEU A 19 17.69 -9.08 0.80
CA LEU A 19 17.33 -7.78 0.23
C LEU A 19 17.37 -6.71 1.33
N LEU A 20 16.72 -7.00 2.46
CA LEU A 20 16.73 -6.10 3.63
C LEU A 20 18.13 -5.85 4.22
N ASP A 21 19.06 -6.79 4.00
CA ASP A 21 20.44 -6.66 4.49
C ASP A 21 21.35 -5.81 3.59
N MET A 22 20.92 -5.54 2.36
CA MET A 22 21.73 -4.69 1.49
C MET A 22 21.39 -3.23 1.85
N PRO A 23 22.28 -2.29 1.53
CA PRO A 23 22.00 -0.90 1.91
C PRO A 23 20.93 -0.31 0.99
N PRO A 24 19.97 0.48 1.55
CA PRO A 24 18.90 0.94 0.66
C PRO A 24 19.42 1.89 -0.43
N VAL A 25 18.66 1.98 -1.49
CA VAL A 25 19.05 2.76 -2.66
C VAL A 25 19.18 4.28 -2.37
N SER A 26 19.95 4.96 -3.22
CA SER A 26 20.06 6.43 -3.22
C SER A 26 18.72 7.14 -3.39
N TYR A 27 18.68 8.43 -3.07
CA TYR A 27 17.46 9.21 -3.21
C TYR A 27 16.96 9.21 -4.67
N ASP A 28 17.87 9.42 -5.62
CA ASP A 28 17.52 9.35 -7.04
C ASP A 28 16.68 8.10 -7.36
N VAL A 29 17.11 6.94 -6.88
CA VAL A 29 16.38 5.68 -7.13
C VAL A 29 15.04 5.66 -6.39
N GLN A 30 15.02 6.19 -5.16
CA GLN A 30 13.75 6.36 -4.44
C GLN A 30 12.78 7.22 -5.23
N LEU A 31 13.26 8.34 -5.77
CA LEU A 31 12.39 9.19 -6.63
C LEU A 31 11.84 8.50 -7.88
N LEU A 32 12.62 7.60 -8.48
CA LEU A 32 12.17 6.90 -9.69
C LEU A 32 11.03 5.93 -9.39
N HIS A 33 10.98 5.45 -8.15
CA HIS A 33 9.95 4.51 -7.69
C HIS A 33 8.86 5.15 -6.81
N SER A 34 8.81 6.49 -6.75
CA SER A 34 7.94 7.23 -5.85
C SER A 34 6.54 7.40 -6.43
N TRP A 35 5.62 8.04 -5.68
CA TRP A 35 4.27 8.33 -6.16
C TRP A 35 4.30 9.10 -7.48
N ASN A 36 3.42 8.72 -8.41
CA ASN A 36 3.38 9.36 -9.72
C ASN A 36 2.40 10.52 -9.67
N ASN A 37 2.92 11.75 -9.79
CA ASN A 37 2.04 12.90 -9.76
C ASN A 37 1.18 13.07 -11.04
N ASN A 38 1.42 12.25 -12.07
CA ASN A 38 0.61 12.22 -13.26
C ASN A 38 -0.16 10.89 -13.38
N ASP A 39 -0.32 10.20 -12.25
CA ASP A 39 -1.18 9.00 -12.19
C ASP A 39 -1.88 8.92 -10.84
N ARG A 40 -2.83 9.82 -10.66
CA ARG A 40 -3.43 10.03 -9.35
C ARG A 40 -4.84 10.55 -9.47
N SER A 41 -5.61 10.41 -8.38
CA SER A 41 -6.84 11.15 -8.18
C SER A 41 -6.57 12.64 -8.36
N LEU A 42 -7.56 13.34 -8.92
CA LEU A 42 -7.55 14.80 -8.96
C LEU A 42 -7.54 15.45 -7.54
N ASN A 43 -7.96 14.70 -6.51
CA ASN A 43 -8.08 15.20 -5.10
C ASN A 43 -6.85 14.93 -4.22
N VAL A 44 -5.76 14.49 -4.83
CA VAL A 44 -4.47 14.34 -4.14
C VAL A 44 -3.38 15.03 -4.94
N PHE A 45 -2.23 15.24 -4.32
CA PHE A 45 -1.10 15.80 -5.03
C PHE A 45 0.22 15.35 -4.40
N VAL A 46 1.25 15.20 -5.21
CA VAL A 46 2.59 14.93 -4.66
C VAL A 46 3.20 16.25 -4.19
N LYS A 47 3.75 16.29 -2.98
CA LYS A 47 4.29 17.53 -2.44
C LYS A 47 5.59 17.94 -3.16
N GLU A 48 5.66 19.19 -3.61
CA GLU A 48 6.83 19.68 -4.37
C GLU A 48 8.07 19.73 -3.48
N ASP A 49 7.88 20.08 -2.21
CA ASP A 49 8.95 20.11 -1.21
C ASP A 49 9.39 18.73 -0.68
N ASP A 50 8.58 17.69 -0.86
CA ASP A 50 8.97 16.31 -0.53
C ASP A 50 8.22 15.36 -1.44
N LYS A 51 8.89 14.91 -2.48
CA LYS A 51 8.27 14.17 -3.57
C LYS A 51 7.99 12.71 -3.20
N LEU A 52 8.51 12.22 -2.06
CA LEU A 52 8.11 10.92 -1.56
C LEU A 52 6.73 10.90 -0.91
N ILE A 53 6.12 12.06 -0.78
CA ILE A 53 4.91 12.23 -0.01
C ILE A 53 3.78 12.74 -0.91
N PHE A 54 2.61 12.12 -0.77
CA PHE A 54 1.40 12.75 -1.30
C PHE A 54 0.45 13.16 -0.18
N HIS A 55 -0.39 14.11 -0.53
CA HIS A 55 -1.28 14.81 0.37
C HIS A 55 -2.67 14.81 -0.24
N ARG A 56 -3.66 14.46 0.58
CA ARG A 56 -5.04 14.44 0.15
C ARG A 56 -5.82 15.69 0.56
N HIS A 57 -6.42 16.32 -0.44
CA HIS A 57 -7.34 17.46 -0.25
C HIS A 57 -8.55 17.03 0.59
N PRO A 58 -9.09 17.94 1.42
CA PRO A 58 -10.21 17.60 2.31
C PRO A 58 -11.58 17.51 1.61
N VAL A 59 -11.75 16.55 0.70
CA VAL A 59 -13.00 16.39 -0.08
C VAL A 59 -13.95 15.44 0.63
N ALA A 60 -15.14 15.93 0.93
CA ALA A 60 -16.15 15.14 1.65
C ALA A 60 -16.64 14.03 0.76
N GLN A 61 -16.94 12.89 1.37
CA GLN A 61 -17.52 11.73 0.67
C GLN A 61 -16.76 11.34 -0.60
N SER A 62 -15.47 11.09 -0.43
CA SER A 62 -14.59 10.80 -1.55
C SER A 62 -13.47 9.88 -1.05
N THR A 63 -13.15 8.85 -1.84
CA THR A 63 -11.98 8.00 -1.60
C THR A 63 -11.01 8.17 -2.76
N ASP A 64 -9.73 8.32 -2.44
CA ASP A 64 -8.75 8.73 -3.45
C ASP A 64 -7.45 7.94 -3.37
N ALA A 65 -6.96 7.55 -4.56
CA ALA A 65 -5.78 6.73 -4.70
C ALA A 65 -4.76 7.34 -5.65
N ILE A 66 -3.57 6.77 -5.61
CA ILE A 66 -2.45 7.24 -6.41
C ILE A 66 -1.53 6.03 -6.59
N ARG A 67 -0.96 5.86 -7.79
CA ARG A 67 -0.01 4.78 -8.07
C ARG A 67 1.43 5.26 -8.04
N GLY A 68 2.33 4.35 -7.63
CA GLY A 68 3.78 4.53 -7.85
C GLY A 68 4.15 4.63 -9.35
N LYS A 69 5.31 5.22 -9.62
CA LYS A 69 5.72 5.47 -10.99
C LYS A 69 6.04 4.16 -11.72
N VAL A 70 6.39 3.11 -10.98
CA VAL A 70 6.91 1.86 -11.60
C VAL A 70 5.98 0.64 -11.38
N GLY A 71 5.53 0.04 -12.48
CA GLY A 71 4.72 -1.18 -12.41
C GLY A 71 5.68 -2.35 -12.52
N TYR A 72 5.74 -3.15 -11.46
CA TYR A 72 6.72 -4.24 -11.36
C TYR A 72 6.19 -5.49 -12.08
N THR A 73 7.04 -6.10 -12.90
CA THR A 73 6.67 -7.29 -13.68
C THR A 73 7.51 -8.50 -13.30
N ARG A 74 8.66 -8.26 -12.65
CA ARG A 74 9.56 -9.33 -12.23
C ARG A 74 10.42 -8.83 -11.06
N GLY A 75 11.05 -9.76 -10.36
CA GLY A 75 11.88 -9.44 -9.20
C GLY A 75 11.12 -9.32 -7.87
N LEU A 76 11.90 -9.17 -6.80
CA LEU A 76 11.39 -8.87 -5.47
C LEU A 76 11.62 -7.38 -5.18
N HIS A 77 10.61 -6.70 -4.64
CA HIS A 77 10.68 -5.27 -4.42
C HIS A 77 10.05 -4.89 -3.10
N VAL A 78 10.76 -4.06 -2.35
CA VAL A 78 10.31 -3.72 -1.01
C VAL A 78 10.32 -2.23 -0.89
N TRP A 79 9.18 -1.69 -0.47
CA TRP A 79 9.08 -0.29 -0.09
C TRP A 79 8.49 -0.10 1.29
N GLN A 80 8.85 1.03 1.89
CA GLN A 80 8.33 1.51 3.18
C GLN A 80 7.22 2.52 3.00
N ILE A 81 6.13 2.28 3.69
CA ILE A 81 5.01 3.21 3.76
C ILE A 81 5.03 3.86 5.16
N THR A 82 4.94 5.20 5.23
CA THR A 82 4.72 5.93 6.48
C THR A 82 3.37 6.59 6.31
N TRP A 83 2.46 6.30 7.25
CA TRP A 83 1.11 6.81 7.27
C TRP A 83 0.73 6.99 8.77
N ALA A 84 0.86 8.21 9.28
CA ALA A 84 0.55 8.52 10.71
C ALA A 84 -0.83 7.98 11.06
N MET A 85 -0.92 7.26 12.18
CA MET A 85 -2.16 6.60 12.63
C MET A 85 -3.36 7.57 12.69
N ARG A 86 -3.12 8.80 13.14
CA ARG A 86 -4.17 9.82 13.31
C ARG A 86 -4.74 10.35 11.98
N GLN A 87 -4.04 10.09 10.88
CA GLN A 87 -4.47 10.55 9.55
C GLN A 87 -5.01 9.42 8.69
N ARG A 88 -5.48 8.35 9.32
CA ARG A 88 -6.01 7.19 8.57
C ARG A 88 -7.51 7.21 8.31
N GLY A 89 -8.29 7.78 9.22
CA GLY A 89 -9.74 7.80 9.04
C GLY A 89 -10.38 6.42 8.99
N THR A 90 -11.53 6.32 8.33
CA THR A 90 -12.32 5.08 8.33
C THR A 90 -11.83 3.98 7.36
N HIS A 91 -11.05 4.38 6.34
CA HIS A 91 -10.66 3.50 5.21
C HIS A 91 -9.24 3.84 4.74
N ALA A 92 -8.27 3.21 5.35
CA ALA A 92 -6.86 3.40 5.01
C ALA A 92 -6.41 2.07 4.46
N VAL A 93 -6.16 2.01 3.15
CA VAL A 93 -5.82 0.75 2.46
C VAL A 93 -4.53 0.86 1.67
N VAL A 94 -3.66 -0.14 1.82
CA VAL A 94 -2.34 -0.16 1.19
C VAL A 94 -2.16 -1.46 0.40
N GLY A 95 -1.62 -1.33 -0.82
CA GLY A 95 -1.40 -2.52 -1.63
C GLY A 95 -0.74 -2.33 -2.99
N VAL A 96 -1.27 -3.06 -3.96
CA VAL A 96 -0.85 -2.92 -5.36
C VAL A 96 -2.05 -2.87 -6.29
N ALA A 97 -1.82 -2.37 -7.48
CA ALA A 97 -2.87 -2.27 -8.48
C ALA A 97 -2.28 -2.36 -9.88
N THR A 98 -3.10 -2.80 -10.84
CA THR A 98 -2.76 -2.71 -12.26
C THR A 98 -2.92 -1.25 -12.67
N ALA A 99 -2.46 -0.93 -13.86
CA ALA A 99 -2.69 0.38 -14.51
C ALA A 99 -4.19 0.68 -14.74
N ASP A 100 -5.04 -0.35 -14.67
CA ASP A 100 -6.46 -0.20 -15.02
C ASP A 100 -7.36 0.03 -13.82
N ALA A 101 -6.79 -0.02 -12.60
CA ALA A 101 -7.59 0.16 -11.39
C ALA A 101 -8.05 1.61 -11.27
N PRO A 102 -9.31 1.82 -10.84
CA PRO A 102 -9.85 3.14 -10.59
C PRO A 102 -9.14 3.77 -9.40
N LEU A 103 -8.85 5.07 -9.50
CA LEU A 103 -8.15 5.82 -8.48
C LEU A 103 -9.09 6.72 -7.68
N HIS A 104 -10.40 6.59 -7.90
CA HIS A 104 -11.37 7.42 -7.15
C HIS A 104 -12.75 6.73 -7.04
N SER A 105 -13.40 6.89 -5.88
CA SER A 105 -14.81 6.56 -5.68
C SER A 105 -15.50 7.70 -4.97
N VAL A 106 -16.80 7.84 -5.20
CA VAL A 106 -17.67 8.60 -4.29
C VAL A 106 -17.86 7.77 -3.01
N GLY A 107 -18.05 8.44 -1.88
CA GLY A 107 -18.16 7.75 -0.59
C GLY A 107 -16.81 7.37 -0.02
N TYR A 108 -16.86 6.79 1.18
CA TYR A 108 -15.68 6.33 1.88
C TYR A 108 -15.67 4.82 1.76
N THR A 109 -14.67 4.29 1.08
CA THR A 109 -14.65 2.85 0.75
C THR A 109 -13.26 2.26 0.68
N THR A 110 -13.22 0.93 0.58
CA THR A 110 -11.98 0.20 0.35
C THR A 110 -11.73 0.16 -1.16
N LEU A 111 -11.36 1.33 -1.72
CA LEU A 111 -11.23 1.47 -3.18
C LEU A 111 -10.19 0.50 -3.75
N VAL A 112 -9.04 0.46 -3.11
CA VAL A 112 -8.03 -0.56 -3.38
C VAL A 112 -8.55 -1.92 -2.84
N GLY A 113 -8.96 -2.79 -3.75
CA GLY A 113 -9.46 -4.12 -3.39
C GLY A 113 -10.91 -4.32 -3.74
N ASN A 114 -11.59 -3.24 -4.13
CA ASN A 114 -13.03 -3.29 -4.48
C ASN A 114 -13.31 -3.73 -5.91
N ASN A 115 -12.30 -4.23 -6.61
CA ASN A 115 -12.37 -4.63 -8.01
C ASN A 115 -11.27 -5.66 -8.34
N HIS A 116 -11.30 -6.13 -9.59
CA HIS A 116 -10.37 -7.14 -10.11
C HIS A 116 -8.95 -6.61 -10.30
N GLU A 117 -8.79 -5.29 -10.30
CA GLU A 117 -7.55 -4.62 -10.67
C GLU A 117 -6.68 -4.17 -9.50
N SER A 118 -7.07 -4.52 -8.27
CA SER A 118 -6.38 -4.07 -7.08
C SER A 118 -6.45 -5.08 -5.95
N TRP A 119 -5.44 -5.01 -5.08
CA TRP A 119 -5.24 -5.94 -3.95
C TRP A 119 -4.80 -5.06 -2.78
N GLY A 120 -5.57 -5.05 -1.71
CA GLY A 120 -5.31 -4.14 -0.60
C GLY A 120 -5.46 -4.71 0.81
N TRP A 121 -4.61 -4.18 1.70
CA TRP A 121 -4.70 -4.38 3.15
C TRP A 121 -5.35 -3.16 3.79
N ASP A 122 -6.53 -3.38 4.38
CA ASP A 122 -7.20 -2.34 5.14
C ASP A 122 -6.55 -2.30 6.53
N LEU A 123 -5.79 -1.25 6.80
CA LEU A 123 -5.03 -1.10 8.03
C LEU A 123 -5.89 -1.08 9.31
N GLY A 124 -7.04 -0.44 9.27
CA GLY A 124 -7.94 -0.37 10.45
C GLY A 124 -8.64 -1.69 10.75
N ARG A 125 -9.05 -2.39 9.69
CA ARG A 125 -9.82 -3.62 9.83
C ARG A 125 -8.94 -4.86 9.96
N ASN A 126 -7.64 -4.73 9.65
CA ASN A 126 -6.73 -5.87 9.55
C ASN A 126 -7.38 -6.91 8.60
N ARG A 127 -7.71 -6.49 7.39
CA ARG A 127 -8.37 -7.37 6.41
C ARG A 127 -7.90 -7.09 5.00
N LEU A 128 -7.86 -8.15 4.20
CA LEU A 128 -7.41 -8.10 2.80
C LEU A 128 -8.57 -8.11 1.84
N TYR A 129 -8.51 -7.24 0.83
CA TYR A 129 -9.55 -7.13 -0.19
C TYR A 129 -9.00 -7.27 -1.60
N HIS A 130 -9.64 -8.10 -2.39
CA HIS A 130 -9.41 -8.19 -3.83
C HIS A 130 -10.68 -8.65 -4.52
N ASP A 131 -11.09 -7.96 -5.59
CA ASP A 131 -12.36 -8.27 -6.26
C ASP A 131 -13.49 -8.29 -5.20
N GLY A 132 -13.52 -7.27 -4.34
CA GLY A 132 -14.49 -7.18 -3.23
C GLY A 132 -15.98 -7.32 -3.58
N LYS A 133 -16.37 -7.00 -4.81
CA LYS A 133 -17.78 -7.16 -5.23
C LYS A 133 -18.22 -8.62 -5.31
N ASN A 134 -17.23 -9.50 -5.51
CA ASN A 134 -17.45 -10.91 -5.85
C ASN A 134 -16.78 -11.93 -4.92
N GLN A 135 -15.85 -11.48 -4.07
CA GLN A 135 -15.07 -12.38 -3.23
C GLN A 135 -14.97 -11.84 -1.81
N PRO A 136 -14.93 -12.74 -0.80
CA PRO A 136 -14.85 -12.31 0.60
C PRO A 136 -13.48 -11.73 0.96
N SER A 137 -13.47 -10.80 1.91
CA SER A 137 -12.20 -10.38 2.53
C SER A 137 -11.64 -11.48 3.43
N LYS A 138 -10.35 -11.33 3.76
CA LYS A 138 -9.67 -12.24 4.65
C LYS A 138 -8.92 -11.47 5.75
N THR A 139 -8.96 -12.06 6.95
CA THR A 139 -8.24 -11.57 8.11
C THR A 139 -6.75 -11.62 7.81
N TYR A 140 -6.04 -10.55 8.14
CA TYR A 140 -4.59 -10.49 7.94
C TYR A 140 -3.96 -9.50 8.92
N PRO A 141 -2.88 -9.92 9.64
CA PRO A 141 -2.24 -11.24 9.54
C PRO A 141 -3.16 -12.36 10.01
N ALA A 142 -2.99 -13.52 9.40
CA ALA A 142 -3.91 -14.66 9.53
C ALA A 142 -3.94 -15.29 10.91
N PHE A 143 -2.99 -14.96 11.79
CA PHE A 143 -2.97 -15.49 13.15
C PHE A 143 -4.05 -14.84 14.04
N LEU A 144 -4.51 -13.65 13.63
CA LEU A 144 -5.54 -12.91 14.34
C LEU A 144 -6.85 -13.71 14.45
N GLU A 145 -7.44 -13.69 15.65
CA GLU A 145 -8.77 -14.27 15.89
C GLU A 145 -9.83 -13.35 15.29
N PRO A 146 -11.02 -13.91 14.94
CA PRO A 146 -12.10 -13.14 14.30
C PRO A 146 -12.22 -11.68 14.76
N ASP A 147 -12.24 -11.47 16.07
CA ASP A 147 -12.50 -10.16 16.68
C ASP A 147 -11.24 -9.50 17.24
N GLU A 148 -10.06 -9.97 16.82
CA GLU A 148 -8.81 -9.47 17.36
C GLU A 148 -8.13 -8.58 16.33
N THR A 149 -7.78 -7.39 16.78
CA THR A 149 -7.19 -6.37 15.93
C THR A 149 -5.97 -5.76 16.62
N PHE A 150 -4.98 -5.32 15.85
CA PHE A 150 -3.92 -4.49 16.40
C PHE A 150 -3.76 -3.28 15.51
N ILE A 151 -3.12 -2.26 16.05
CA ILE A 151 -2.92 -1.03 15.32
C ILE A 151 -1.63 -1.21 14.55
N VAL A 152 -1.70 -1.04 13.24
CA VAL A 152 -0.52 -1.14 12.39
C VAL A 152 0.29 0.11 12.69
N PRO A 153 1.60 -0.04 12.98
CA PRO A 153 2.40 1.15 13.31
C PRO A 153 2.51 2.15 12.14
N ASP A 154 2.98 3.37 12.43
CA ASP A 154 3.12 4.42 11.41
C ASP A 154 3.88 4.00 10.15
N SER A 155 5.00 3.31 10.35
CA SER A 155 5.78 2.83 9.21
C SER A 155 5.80 1.31 9.20
N PHE A 156 5.83 0.75 8.00
CA PHE A 156 5.96 -0.70 7.81
C PHE A 156 6.36 -0.94 6.36
N LEU A 157 6.68 -2.19 6.05
CA LEU A 157 7.21 -2.55 4.75
C LEU A 157 6.24 -3.38 3.93
N VAL A 158 6.31 -3.16 2.62
CA VAL A 158 5.54 -3.89 1.63
C VAL A 158 6.50 -4.65 0.72
N ALA A 159 6.22 -5.92 0.52
CA ALA A 159 7.14 -6.79 -0.20
C ALA A 159 6.38 -7.50 -1.30
N LEU A 160 6.70 -7.09 -2.54
CA LEU A 160 6.10 -7.63 -3.76
C LEU A 160 7.13 -8.51 -4.51
N ASP A 161 6.87 -9.81 -4.50
CA ASP A 161 7.66 -10.80 -5.23
C ASP A 161 6.92 -11.18 -6.51
N MET A 162 7.32 -10.53 -7.59
CA MET A 162 6.76 -10.83 -8.92
C MET A 162 7.21 -12.18 -9.51
N ASP A 163 8.22 -12.82 -8.92
CA ASP A 163 8.65 -14.12 -9.40
C ASP A 163 7.79 -15.23 -8.78
N ASP A 164 7.55 -15.14 -7.47
CA ASP A 164 6.60 -16.01 -6.75
C ASP A 164 5.13 -15.62 -7.01
N GLY A 165 4.91 -14.37 -7.40
CA GLY A 165 3.57 -13.82 -7.56
C GLY A 165 2.88 -13.59 -6.22
N THR A 166 3.60 -13.00 -5.26
CA THR A 166 3.05 -12.76 -3.90
C THR A 166 3.26 -11.33 -3.39
N LEU A 167 2.33 -10.89 -2.53
CA LEU A 167 2.45 -9.65 -1.78
C LEU A 167 2.39 -10.00 -0.28
N SER A 168 3.38 -9.48 0.46
CA SER A 168 3.55 -9.69 1.89
C SER A 168 3.82 -8.35 2.58
N PHE A 169 3.72 -8.31 3.91
CA PHE A 169 4.03 -7.10 4.67
C PHE A 169 4.96 -7.45 5.82
N ILE A 170 5.80 -6.49 6.18
CA ILE A 170 6.64 -6.55 7.40
C ILE A 170 6.26 -5.43 8.37
N VAL A 171 5.90 -5.82 9.60
CA VAL A 171 5.42 -4.90 10.65
C VAL A 171 6.21 -5.12 11.94
N ASP A 172 6.75 -4.03 12.49
CA ASP A 172 7.54 -4.11 13.75
C ASP A 172 8.66 -5.13 13.59
N GLY A 173 9.28 -5.16 12.41
CA GLY A 173 10.34 -6.09 12.12
C GLY A 173 9.95 -7.54 11.89
N GLN A 174 8.66 -7.85 11.95
CA GLN A 174 8.16 -9.21 11.80
C GLN A 174 7.46 -9.42 10.46
N TYR A 175 7.74 -10.56 9.84
CA TYR A 175 7.06 -10.96 8.63
C TYR A 175 5.61 -11.35 8.96
N MET A 176 4.67 -10.72 8.26
CA MET A 176 3.26 -10.94 8.53
C MET A 176 2.65 -12.09 7.70
N GLY A 177 3.49 -12.73 6.88
CA GLY A 177 3.07 -13.81 6.02
C GLY A 177 2.58 -13.29 4.68
N VAL A 178 2.40 -14.22 3.74
CA VAL A 178 1.87 -13.87 2.43
C VAL A 178 0.42 -13.38 2.56
N ALA A 179 0.14 -12.20 2.00
CA ALA A 179 -1.19 -11.59 1.96
C ALA A 179 -1.98 -12.05 0.73
N PHE A 180 -1.37 -11.88 -0.45
CA PHE A 180 -1.96 -12.26 -1.74
C PHE A 180 -1.01 -13.15 -2.53
N ARG A 181 -1.62 -14.12 -3.20
CA ARG A 181 -0.97 -15.05 -4.14
C ARG A 181 -1.57 -14.80 -5.52
N GLY A 182 -1.02 -15.45 -6.55
CA GLY A 182 -1.62 -15.44 -7.88
C GLY A 182 -1.26 -14.23 -8.73
N LEU A 183 -0.13 -13.61 -8.42
CA LEU A 183 0.22 -12.34 -9.05
C LEU A 183 1.25 -12.47 -10.22
N LYS A 184 1.73 -13.68 -10.52
CA LYS A 184 2.68 -13.88 -11.64
C LYS A 184 2.15 -13.39 -12.97
N GLY A 185 3.03 -12.84 -13.82
CA GLY A 185 2.62 -12.41 -15.15
C GLY A 185 1.74 -11.16 -15.20
N LYS A 186 1.75 -10.36 -14.13
CA LYS A 186 1.05 -9.07 -14.12
C LYS A 186 2.07 -7.90 -14.11
N LYS A 187 1.55 -6.68 -14.23
CA LYS A 187 2.33 -5.48 -14.07
C LYS A 187 1.66 -4.64 -12.96
N LEU A 188 2.31 -4.62 -11.81
CA LEU A 188 1.69 -4.14 -10.57
C LEU A 188 2.46 -3.01 -9.96
N TYR A 189 1.70 -1.95 -9.67
CA TYR A 189 2.16 -0.68 -9.15
C TYR A 189 1.86 -0.59 -7.65
N PRO A 190 2.75 0.04 -6.89
CA PRO A 190 2.37 0.41 -5.52
C PRO A 190 1.11 1.30 -5.52
N VAL A 191 0.25 1.11 -4.54
CA VAL A 191 -0.99 1.89 -4.47
C VAL A 191 -1.44 2.07 -3.02
N VAL A 192 -2.15 3.16 -2.75
CA VAL A 192 -2.88 3.35 -1.50
C VAL A 192 -4.17 4.05 -1.84
N SER A 193 -5.21 3.79 -1.05
CA SER A 193 -6.45 4.58 -1.14
C SER A 193 -6.75 5.16 0.24
N ALA A 194 -7.18 6.43 0.23
CA ALA A 194 -7.35 7.24 1.43
C ALA A 194 -8.62 8.09 1.43
N VAL A 195 -9.11 8.38 2.64
CA VAL A 195 -10.33 9.17 2.86
C VAL A 195 -10.14 10.36 3.83
N TRP A 196 -8.94 10.51 4.41
CA TRP A 196 -8.71 11.53 5.46
C TRP A 196 -8.23 12.89 4.90
N GLY A 197 -8.89 13.97 5.33
CA GLY A 197 -8.50 15.31 4.89
C GLY A 197 -7.12 15.69 5.37
N HIS A 198 -6.28 16.10 4.41
CA HIS A 198 -4.90 16.53 4.67
C HIS A 198 -3.99 15.40 5.12
N CYS A 199 -4.43 14.16 4.94
CA CYS A 199 -3.56 13.04 5.21
C CYS A 199 -2.32 13.03 4.29
N GLU A 200 -1.17 12.72 4.86
CA GLU A 200 0.04 12.59 4.07
C GLU A 200 0.59 11.18 4.19
N ILE A 201 0.99 10.60 3.05
CA ILE A 201 1.54 9.25 3.01
C ILE A 201 2.85 9.22 2.24
N ARG A 202 3.89 8.67 2.88
CA ARG A 202 5.21 8.57 2.28
C ARG A 202 5.42 7.15 1.78
N MET A 203 5.97 7.03 0.57
CA MET A 203 6.49 5.75 0.09
C MET A 203 7.95 5.94 -0.25
N ARG A 204 8.77 5.17 0.45
CA ARG A 204 10.20 5.13 0.23
C ARG A 204 10.63 3.74 -0.27
N TYR A 205 10.99 3.65 -1.53
CA TYR A 205 11.47 2.39 -2.07
C TYR A 205 12.82 2.05 -1.41
N LEU A 206 12.96 0.79 -1.00
CA LEU A 206 14.14 0.36 -0.26
C LEU A 206 15.12 -0.33 -1.17
N ASN A 207 14.66 -1.39 -1.84
CA ASN A 207 15.52 -2.13 -2.75
C ASN A 207 14.77 -3.15 -3.56
N GLY A 208 15.44 -3.68 -4.59
CA GLY A 208 14.89 -4.72 -5.44
C GLY A 208 15.95 -5.75 -5.72
N LEU A 209 15.52 -7.00 -5.93
CA LEU A 209 16.40 -8.09 -6.32
C LEU A 209 15.97 -8.67 -7.67
N ASP A 210 16.96 -8.81 -8.55
CA ASP A 210 16.86 -9.15 -9.99
C ASP A 210 17.02 -7.92 -10.90
N ASN B 1 -15.26 19.15 12.15
CA ASN B 1 -15.67 17.89 12.83
C ASN B 1 -16.55 17.02 11.92
N GLU B 2 -16.06 16.78 10.70
CA GLU B 2 -16.63 15.76 9.80
C GLU B 2 -15.88 14.44 10.04
N LEU B 3 -16.60 13.35 9.80
CA LEU B 3 -16.12 11.99 10.04
C LEU B 3 -14.65 11.73 9.65
N ASN B 4 -14.25 12.15 8.45
CA ASN B 4 -12.89 11.91 7.95
C ASN B 4 -12.09 13.20 7.72
N ASN B 5 -12.39 14.23 8.51
CA ASN B 5 -11.63 15.49 8.52
C ASN B 5 -11.75 16.30 7.21
N ASN B 6 -12.87 16.13 6.52
CA ASN B 6 -13.08 16.76 5.23
C ASN B 6 -14.01 17.97 5.34
N LEU B 7 -13.96 18.84 4.34
CA LEU B 7 -14.79 20.04 4.31
C LEU B 7 -16.14 19.70 3.65
N PRO B 8 -17.27 19.97 4.35
CA PRO B 8 -18.60 19.78 3.78
C PRO B 8 -18.78 20.41 2.39
#